data_3CNL
#
_entry.id   3CNL
#
_cell.length_a   35.132
_cell.length_b   75.150
_cell.length_c   104.919
_cell.angle_alpha   90.000
_cell.angle_beta   90.000
_cell.angle_gamma   90.000
#
_symmetry.space_group_name_H-M   'P 21 21 21'
#
loop_
_entity.id
_entity.type
_entity.pdbx_description
1 polymer 'Putative uncharacterized protein'
2 non-polymer 'PHOSPHOAMINOPHOSPHONIC ACID-GUANYLATE ESTER'
3 water water
#
_entity_poly.entity_id   1
_entity_poly.type   'polypeptide(L)'
_entity_poly.pdbx_seq_one_letter_code
;MSWYPGHIEKAKRQIKDLLRLVNTVVEVRDARAPFATSAYGVDFSRKETIILLNKVDIADEKTTKKWVEFFKKQGKRVIT
THKGEPRKVLLKKLSFDRLARVLIVGVPNTGKSTIINKLKGKRASSVGAQPGITKGIQWFSLENGVKILDTPGILYKNIF
SEDLAAKLLLVGSLPVERIEDQRIFERAFEIFARSIGIESSFSEFFEDFARKRGLLKKGGVPDIERALMLFFTEVAQGKA
GRVSFERPEDITPVQQEQTRGV
;
_entity_poly.pdbx_strand_id   A
#
# COMPACT_ATOMS: atom_id res chain seq x y z
N GLU A 9 -5.76 -6.95 -14.93
CA GLU A 9 -5.23 -8.03 -14.04
C GLU A 9 -4.34 -9.00 -14.79
N LYS A 10 -4.70 -9.27 -16.05
CA LYS A 10 -3.97 -10.19 -16.94
C LYS A 10 -2.50 -9.83 -17.21
N ALA A 11 -2.12 -8.59 -16.92
CA ALA A 11 -0.73 -8.13 -17.08
C ALA A 11 -0.22 -7.35 -15.84
N LYS A 12 0.58 -7.94 -14.95
CA LYS A 12 0.95 -9.38 -14.80
C LYS A 12 1.86 -10.00 -15.88
N ARG A 13 1.35 -10.18 -17.10
CA ARG A 13 2.20 -10.59 -18.23
C ARG A 13 3.20 -9.48 -18.56
N GLN A 14 2.77 -8.23 -18.37
CA GLN A 14 3.60 -7.07 -18.56
C GLN A 14 4.65 -6.95 -17.45
N ILE A 15 4.24 -7.27 -16.21
CA ILE A 15 5.18 -7.32 -15.09
C ILE A 15 6.33 -8.28 -15.42
N LYS A 16 5.99 -9.44 -15.99
CA LYS A 16 7.00 -10.40 -16.49
C LYS A 16 7.92 -9.80 -17.54
N ASP A 17 7.37 -9.00 -18.45
CA ASP A 17 8.17 -8.27 -19.45
C ASP A 17 9.08 -7.24 -18.81
N LEU A 18 8.61 -6.62 -17.73
CA LEU A 18 9.42 -5.60 -17.05
C LEU A 18 10.50 -6.27 -16.22
N LEU A 19 10.17 -7.44 -15.66
CA LEU A 19 11.06 -8.21 -14.81
C LEU A 19 12.31 -8.68 -15.53
N ARG A 20 12.19 -8.93 -16.83
CA ARG A 20 13.32 -9.44 -17.61
C ARG A 20 14.44 -8.41 -17.71
N LEU A 21 14.09 -7.14 -17.53
CA LEU A 21 15.06 -6.04 -17.60
C LEU A 21 15.90 -5.88 -16.33
N VAL A 22 15.50 -6.57 -15.26
CA VAL A 22 16.05 -6.26 -13.93
C VAL A 22 16.58 -7.46 -13.21
N ASN A 23 17.37 -7.20 -12.17
CA ASN A 23 17.90 -8.25 -11.32
C ASN A 23 17.52 -8.05 -9.86
N THR A 24 16.85 -6.92 -9.57
CA THR A 24 16.43 -6.53 -8.24
C THR A 24 14.99 -5.96 -8.30
N VAL A 25 14.21 -6.24 -7.25
CA VAL A 25 12.82 -5.82 -7.09
C VAL A 25 12.62 -5.21 -5.70
N VAL A 26 12.10 -3.98 -5.69
CA VAL A 26 11.63 -3.33 -4.46
C VAL A 26 10.10 -3.42 -4.45
N GLU A 27 9.60 -4.26 -3.56
CA GLU A 27 8.17 -4.45 -3.38
C GLU A 27 7.65 -3.42 -2.39
N VAL A 28 6.88 -2.46 -2.91
CA VAL A 28 6.34 -1.38 -2.10
C VAL A 28 4.97 -1.78 -1.53
N ARG A 29 4.96 -2.05 -0.23
CA ARG A 29 3.77 -2.46 0.50
C ARG A 29 3.39 -1.34 1.45
N ASP A 30 2.15 -1.35 1.92
CA ASP A 30 1.69 -0.43 2.97
C ASP A 30 1.95 -1.17 4.29
N ALA A 31 2.67 -0.52 5.22
CA ALA A 31 2.97 -1.10 6.54
C ALA A 31 1.73 -1.38 7.37
N ARG A 32 0.63 -0.72 7.05
CA ARG A 32 -0.62 -0.95 7.81
C ARG A 32 -1.30 -2.27 7.44
N ALA A 33 -0.94 -2.79 6.27
CA ALA A 33 -1.53 -4.04 5.78
C ALA A 33 -0.50 -4.79 4.94
N PRO A 34 0.58 -5.33 5.55
CA PRO A 34 1.63 -5.99 4.77
C PRO A 34 1.28 -7.25 4.01
N PHE A 35 0.31 -8.04 4.49
CA PHE A 35 -0.12 -9.21 3.73
C PHE A 35 -1.03 -8.76 2.59
N ALA A 36 -2.02 -7.93 2.90
CA ALA A 36 -2.97 -7.50 1.92
C ALA A 36 -2.29 -6.88 0.73
N THR A 37 -1.24 -6.07 0.97
CA THR A 37 -0.55 -5.31 -0.08
C THR A 37 0.72 -6.00 -0.62
N SER A 38 0.85 -7.31 -0.36
CA SER A 38 1.96 -8.09 -0.87
C SER A 38 1.72 -8.33 -2.34
N ALA A 39 2.78 -8.53 -3.11
CA ALA A 39 2.63 -8.73 -4.55
C ALA A 39 2.44 -10.20 -4.89
N TYR A 40 1.47 -10.83 -4.22
CA TYR A 40 1.11 -12.22 -4.47
C TYR A 40 0.63 -12.36 -5.91
N GLY A 41 1.07 -13.42 -6.58
CA GLY A 41 0.69 -13.64 -7.97
C GLY A 41 1.90 -13.63 -8.90
N VAL A 42 2.79 -12.66 -8.67
CA VAL A 42 3.98 -12.50 -9.53
C VAL A 42 5.22 -13.14 -8.87
N ASP A 43 6.02 -13.82 -9.70
CA ASP A 43 7.16 -14.59 -9.23
C ASP A 43 8.41 -13.72 -9.23
N PHE A 44 8.94 -13.44 -8.03
CA PHE A 44 10.18 -12.68 -7.84
C PHE A 44 11.30 -13.57 -7.32
N SER A 45 11.14 -14.89 -7.39
CA SER A 45 12.13 -15.81 -6.82
C SER A 45 13.50 -15.86 -7.55
N ARG A 46 13.56 -15.29 -8.76
CA ARG A 46 14.83 -15.24 -9.53
C ARG A 46 15.55 -13.88 -9.37
N LYS A 47 14.95 -12.97 -8.61
CA LYS A 47 15.48 -11.62 -8.40
C LYS A 47 15.81 -11.39 -6.95
N GLU A 48 16.66 -10.41 -6.69
CA GLU A 48 16.90 -9.94 -5.33
C GLU A 48 15.73 -9.06 -4.93
N THR A 49 14.97 -9.50 -3.94
CA THR A 49 13.74 -8.79 -3.55
C THR A 49 13.90 -8.11 -2.20
N ILE A 50 13.53 -6.83 -2.15
CA ILE A 50 13.47 -6.06 -0.91
C ILE A 50 12.00 -5.76 -0.60
N ILE A 51 11.53 -6.14 0.58
CA ILE A 51 10.17 -5.77 1.03
C ILE A 51 10.26 -4.41 1.72
N LEU A 52 9.60 -3.42 1.15
CA LEU A 52 9.61 -2.09 1.70
C LEU A 52 8.24 -1.83 2.35
N LEU A 53 8.25 -1.56 3.65
CA LEU A 53 7.00 -1.30 4.36
C LEU A 53 6.82 0.19 4.41
N ASN A 54 6.00 0.72 3.49
CA ASN A 54 5.91 2.16 3.30
C ASN A 54 4.85 2.80 4.21
N LYS A 55 4.85 4.13 4.28
CA LYS A 55 3.84 4.93 5.02
C LYS A 55 3.83 4.65 6.54
N VAL A 56 5.01 4.37 7.13
CA VAL A 56 5.09 4.06 8.58
C VAL A 56 4.61 5.24 9.44
N ASP A 57 4.60 6.42 8.82
CA ASP A 57 4.17 7.63 9.51
C ASP A 57 2.69 7.65 9.91
N ILE A 58 1.86 6.89 9.16
CA ILE A 58 0.42 6.79 9.43
C ILE A 58 0.01 5.38 9.90
N ALA A 59 1.02 4.56 10.20
CA ALA A 59 0.82 3.19 10.70
C ALA A 59 1.04 3.12 12.20
N ASP A 60 0.43 2.13 12.85
CA ASP A 60 0.71 1.87 14.26
C ASP A 60 2.14 1.34 14.46
N GLU A 61 2.97 2.14 15.13
CA GLU A 61 4.40 1.87 15.29
C GLU A 61 4.71 0.50 15.92
N LYS A 62 3.94 0.13 16.93
CA LYS A 62 4.07 -1.18 17.57
C LYS A 62 3.83 -2.34 16.60
N THR A 63 2.77 -2.23 15.80
CA THR A 63 2.42 -3.25 14.81
C THR A 63 3.47 -3.32 13.68
N THR A 64 3.97 -2.16 13.25
CA THR A 64 5.04 -2.12 12.23
C THR A 64 6.28 -2.87 12.71
N LYS A 65 6.74 -2.60 13.92
CA LYS A 65 7.87 -3.36 14.45
C LYS A 65 7.63 -4.87 14.43
N LYS A 66 6.44 -5.31 14.81
CA LYS A 66 6.13 -6.74 14.76
C LYS A 66 6.18 -7.30 13.34
N TRP A 67 5.78 -6.49 12.37
CA TRP A 67 5.90 -6.90 10.97
C TRP A 67 7.36 -7.05 10.55
N VAL A 68 8.21 -6.09 10.93
CA VAL A 68 9.65 -6.19 10.63
C VAL A 68 10.21 -7.51 11.16
N GLU A 69 9.88 -7.83 12.41
CA GLU A 69 10.38 -9.05 13.08
C GLU A 69 9.90 -10.30 12.40
N PHE A 70 8.61 -10.31 12.06
CA PHE A 70 8.01 -11.37 11.29
C PHE A 70 8.77 -11.65 9.99
N PHE A 71 9.07 -10.60 9.20
CA PHE A 71 9.74 -10.81 7.92
C PHE A 71 11.22 -11.20 8.11
N LYS A 72 11.89 -10.56 9.06
CA LYS A 72 13.27 -10.96 9.42
C LYS A 72 13.34 -12.45 9.81
N LYS A 73 12.36 -12.91 10.58
CA LYS A 73 12.29 -14.31 10.95
C LYS A 73 12.02 -15.25 9.80
N GLN A 74 11.33 -14.77 8.76
CA GLN A 74 11.17 -15.55 7.52
C GLN A 74 12.44 -15.54 6.64
N GLY A 75 13.47 -14.84 7.09
CA GLY A 75 14.72 -14.70 6.33
C GLY A 75 14.57 -13.69 5.21
N LYS A 76 13.70 -12.70 5.40
CA LYS A 76 13.40 -11.78 4.30
C LYS A 76 14.11 -10.45 4.42
N ARG A 77 14.47 -9.87 3.28
CA ARG A 77 15.06 -8.54 3.26
C ARG A 77 13.93 -7.52 3.36
N VAL A 78 13.89 -6.77 4.47
CA VAL A 78 12.79 -5.89 4.77
C VAL A 78 13.29 -4.58 5.34
N ILE A 79 12.75 -3.48 4.82
CA ILE A 79 13.01 -2.15 5.35
C ILE A 79 11.69 -1.44 5.59
N THR A 80 11.71 -0.34 6.33
CA THR A 80 10.51 0.46 6.53
C THR A 80 10.89 1.88 6.16
N THR A 81 9.94 2.66 5.64
CA THR A 81 10.20 4.04 5.28
C THR A 81 8.91 4.81 5.18
N HIS A 82 9.03 6.10 4.85
CA HIS A 82 7.87 6.95 4.62
C HIS A 82 8.29 8.15 3.78
N LYS A 83 7.29 8.82 3.20
CA LYS A 83 7.41 9.98 2.31
C LYS A 83 8.44 11.01 2.78
N GLY A 84 8.43 11.26 4.09
CA GLY A 84 9.19 12.36 4.69
C GLY A 84 10.59 12.00 5.15
N GLU A 85 10.96 10.74 4.97
CA GLU A 85 12.29 10.25 5.33
C GLU A 85 13.30 10.63 4.24
N PRO A 86 14.46 11.20 4.62
CA PRO A 86 15.42 11.74 3.63
C PRO A 86 15.89 10.71 2.60
N ARG A 87 16.12 11.18 1.37
CA ARG A 87 16.68 10.35 0.27
C ARG A 87 17.91 9.55 0.71
N LYS A 88 18.79 10.18 1.47
CA LYS A 88 20.03 9.58 1.95
C LYS A 88 19.80 8.39 2.87
N VAL A 89 18.79 8.51 3.73
CA VAL A 89 18.43 7.46 4.70
C VAL A 89 17.80 6.26 3.98
N LEU A 90 16.94 6.55 3.00
CA LEU A 90 16.31 5.51 2.17
C LEU A 90 17.36 4.69 1.44
N LEU A 91 18.29 5.37 0.78
CA LEU A 91 19.28 4.69 -0.05
C LEU A 91 20.19 3.84 0.80
N LYS A 92 20.48 4.32 2.01
CA LYS A 92 21.30 3.59 2.97
C LYS A 92 20.59 2.33 3.44
N LYS A 93 19.28 2.47 3.71
CA LYS A 93 18.44 1.31 4.05
C LYS A 93 18.38 0.31 2.90
N LEU A 94 18.22 0.80 1.67
CA LEU A 94 18.13 -0.09 0.51
C LEU A 94 19.45 -0.80 0.23
N SER A 95 20.55 -0.05 0.41
CA SER A 95 21.92 -0.53 0.16
C SER A 95 22.04 -1.48 -1.04
N PHE A 96 21.78 -0.93 -2.23
CA PHE A 96 21.82 -1.67 -3.48
C PHE A 96 23.24 -2.10 -3.83
N ASP A 97 23.34 -3.32 -4.37
CA ASP A 97 24.59 -3.86 -4.89
C ASP A 97 25.01 -3.06 -6.09
N ARG A 98 26.32 -3.05 -6.38
CA ARG A 98 26.89 -2.30 -7.53
C ARG A 98 26.25 -2.67 -8.87
N LEU A 99 25.89 -3.92 -9.03
CA LEU A 99 25.32 -4.39 -10.29
C LEU A 99 23.81 -4.26 -10.37
N ALA A 100 23.17 -3.64 -9.36
CA ALA A 100 21.70 -3.65 -9.27
C ALA A 100 21.05 -2.91 -10.43
N ARG A 101 20.00 -3.53 -10.96
CA ARG A 101 19.09 -2.91 -11.90
C ARG A 101 17.72 -3.17 -11.30
N VAL A 102 17.03 -2.11 -10.93
CA VAL A 102 15.92 -2.24 -9.99
C VAL A 102 14.56 -1.94 -10.64
N LEU A 103 13.57 -2.79 -10.36
CA LEU A 103 12.17 -2.48 -10.63
C LEU A 103 11.46 -2.20 -9.31
N ILE A 104 10.79 -1.06 -9.25
CA ILE A 104 9.87 -0.76 -8.16
C ILE A 104 8.50 -1.35 -8.53
N VAL A 105 7.92 -2.18 -7.65
CA VAL A 105 6.62 -2.80 -7.94
C VAL A 105 5.67 -2.81 -6.72
N GLY A 106 4.36 -2.90 -6.99
CA GLY A 106 3.38 -2.97 -5.89
C GLY A 106 1.95 -2.82 -6.37
N VAL A 107 1.00 -3.04 -5.46
CA VAL A 107 -0.41 -2.84 -5.82
C VAL A 107 -0.65 -1.34 -5.87
N PRO A 108 -1.79 -0.88 -6.42
CA PRO A 108 -2.04 0.54 -6.48
C PRO A 108 -1.97 1.25 -5.13
N ASN A 109 -1.45 2.49 -5.16
CA ASN A 109 -1.56 3.48 -4.07
C ASN A 109 -0.53 3.38 -2.96
N THR A 110 0.36 2.41 -3.03
CA THR A 110 1.28 2.12 -1.88
C THR A 110 2.45 3.09 -1.77
N GLY A 111 2.63 3.96 -2.77
CA GLY A 111 3.66 5.02 -2.70
C GLY A 111 4.80 4.92 -3.70
N LYS A 112 4.57 4.21 -4.81
CA LYS A 112 5.65 3.86 -5.74
C LYS A 112 6.19 5.05 -6.53
N SER A 113 5.29 5.92 -7.00
CA SER A 113 5.66 7.13 -7.74
C SER A 113 6.42 8.11 -6.86
N THR A 114 5.96 8.22 -5.62
CA THR A 114 6.59 9.03 -4.61
C THR A 114 8.02 8.56 -4.31
N ILE A 115 8.20 7.26 -4.15
CA ILE A 115 9.54 6.67 -3.95
C ILE A 115 10.49 6.93 -5.13
N ILE A 116 10.01 6.71 -6.35
CA ILE A 116 10.80 7.00 -7.55
C ILE A 116 11.20 8.47 -7.62
N ASN A 117 10.27 9.37 -7.32
CA ASN A 117 10.56 10.79 -7.33
C ASN A 117 11.69 11.15 -6.38
N LYS A 118 11.65 10.60 -5.16
CA LYS A 118 12.71 10.79 -4.18
C LYS A 118 14.04 10.24 -4.69
N LEU A 119 14.04 8.99 -5.12
CA LEU A 119 15.22 8.34 -5.71
C LEU A 119 15.82 9.11 -6.89
N LYS A 120 14.97 9.60 -7.78
CA LYS A 120 15.38 10.28 -9.01
C LYS A 120 15.94 11.69 -8.72
N GLY A 121 15.08 12.55 -8.17
CA GLY A 121 15.41 13.96 -7.97
C GLY A 121 15.23 14.75 -9.25
N LYS A 122 16.04 15.80 -9.41
CA LYS A 122 16.02 16.63 -10.62
C LYS A 122 16.70 15.94 -11.82
N ARG A 123 17.25 14.75 -11.56
CA ARG A 123 17.82 13.89 -12.59
C ARG A 123 16.72 13.29 -13.49
N ALA A 124 17.16 12.75 -14.63
CA ALA A 124 16.30 12.01 -15.56
C ALA A 124 17.11 10.92 -16.28
N LYS A 135 11.72 5.64 -25.93
CA LYS A 135 12.07 4.25 -26.19
C LYS A 135 11.67 3.35 -25.00
N GLY A 136 10.38 3.40 -24.65
CA GLY A 136 9.81 2.62 -23.55
C GLY A 136 10.18 3.14 -22.18
N ILE A 137 10.23 2.24 -21.20
CA ILE A 137 10.67 2.57 -19.86
C ILE A 137 12.13 3.03 -19.87
N GLN A 138 12.44 4.10 -19.14
CA GLN A 138 13.79 4.64 -19.07
C GLN A 138 14.42 4.35 -17.71
N TRP A 139 15.74 4.23 -17.69
CA TRP A 139 16.46 4.15 -16.44
C TRP A 139 16.85 5.54 -15.97
N PHE A 140 17.00 5.67 -14.65
CA PHE A 140 17.84 6.70 -14.08
C PHE A 140 18.89 5.99 -13.25
N SER A 141 20.03 6.64 -13.05
CA SER A 141 21.14 5.99 -12.36
C SER A 141 21.38 6.73 -11.06
N LEU A 142 21.73 6.00 -10.02
CA LEU A 142 22.20 6.64 -8.80
C LEU A 142 23.63 7.15 -9.05
N GLU A 143 24.22 7.83 -8.05
CA GLU A 143 25.60 8.32 -8.12
C GLU A 143 26.61 7.19 -8.30
N ASN A 144 26.44 6.10 -7.56
CA ASN A 144 27.31 4.91 -7.66
C ASN A 144 27.08 3.98 -8.85
N GLY A 145 26.23 4.40 -9.79
CA GLY A 145 25.96 3.58 -10.97
C GLY A 145 24.71 2.71 -10.99
N VAL A 146 24.14 2.40 -9.83
CA VAL A 146 22.94 1.53 -9.85
C VAL A 146 21.77 2.11 -10.68
N LYS A 147 21.15 1.26 -11.47
CA LYS A 147 20.10 1.68 -12.39
C LYS A 147 18.72 1.39 -11.82
N ILE A 148 17.82 2.38 -11.85
CA ILE A 148 16.42 2.18 -11.44
C ILE A 148 15.44 2.56 -12.56
N LEU A 149 14.54 1.65 -12.95
CA LEU A 149 13.47 1.95 -13.92
C LEU A 149 12.60 3.10 -13.44
N ASP A 150 12.36 4.09 -14.30
CA ASP A 150 11.69 5.31 -13.86
C ASP A 150 10.17 5.16 -13.77
N THR A 151 9.65 3.99 -14.14
CA THR A 151 8.22 3.68 -14.00
C THR A 151 7.99 2.40 -13.18
N PRO A 152 7.05 2.45 -12.22
CA PRO A 152 6.80 1.26 -11.41
C PRO A 152 5.93 0.25 -12.15
N GLY A 153 6.04 -1.01 -11.76
CA GLY A 153 5.08 -2.01 -12.20
C GLY A 153 3.91 -1.98 -11.22
N ILE A 154 2.69 -2.01 -11.74
CA ILE A 154 1.52 -1.96 -10.89
C ILE A 154 0.88 -3.34 -10.90
N LEU A 155 0.71 -3.93 -9.71
CA LEU A 155 0.13 -5.26 -9.56
C LEU A 155 -1.35 -5.21 -9.19
N TYR A 156 -2.18 -5.79 -10.06
CA TYR A 156 -3.60 -5.98 -9.78
C TYR A 156 -3.81 -7.45 -9.45
N LYS A 157 -4.22 -7.74 -8.22
CA LYS A 157 -4.30 -9.14 -7.82
C LYS A 157 -5.73 -9.65 -7.60
N ASN A 158 -5.85 -10.97 -7.50
CA ASN A 158 -7.14 -11.66 -7.38
C ASN A 158 -7.72 -11.50 -5.98
N ILE A 159 -8.90 -10.89 -5.91
CA ILE A 159 -9.58 -10.75 -4.63
C ILE A 159 -10.68 -11.81 -4.50
N PHE A 160 -10.34 -12.86 -3.78
CA PHE A 160 -11.21 -13.99 -3.55
C PHE A 160 -11.99 -13.80 -2.24
N SER A 161 -11.39 -13.07 -1.30
CA SER A 161 -11.94 -12.94 0.03
C SER A 161 -12.47 -11.54 0.33
N GLU A 162 -13.43 -11.49 1.25
CA GLU A 162 -14.03 -10.25 1.70
C GLU A 162 -13.00 -9.47 2.52
N ASP A 163 -12.24 -10.19 3.33
CA ASP A 163 -11.22 -9.59 4.17
C ASP A 163 -10.11 -8.89 3.35
N LEU A 164 -9.66 -9.54 2.28
CA LEU A 164 -8.64 -8.92 1.39
C LEU A 164 -9.16 -7.66 0.71
N ALA A 165 -10.39 -7.70 0.18
CA ALA A 165 -10.99 -6.51 -0.41
C ALA A 165 -11.12 -5.38 0.62
N ALA A 166 -11.56 -5.71 1.83
CA ALA A 166 -11.76 -4.72 2.88
C ALA A 166 -10.44 -4.02 3.22
N LYS A 167 -9.37 -4.80 3.34
CA LYS A 167 -8.03 -4.28 3.67
C LYS A 167 -7.42 -3.42 2.55
N LEU A 168 -7.57 -3.88 1.32
CA LEU A 168 -7.19 -3.07 0.15
C LEU A 168 -8.01 -1.79 0.02
N LEU A 169 -9.29 -1.83 0.41
CA LEU A 169 -10.06 -0.60 0.51
C LEU A 169 -9.50 0.38 1.53
N LEU A 170 -9.14 -0.14 2.69
CA LEU A 170 -8.63 0.69 3.80
C LEU A 170 -7.30 1.40 3.47
N VAL A 171 -6.46 0.78 2.63
CA VAL A 171 -5.20 1.42 2.21
C VAL A 171 -5.35 2.20 0.89
N GLY A 172 -6.57 2.32 0.38
CA GLY A 172 -6.85 3.08 -0.86
C GLY A 172 -6.40 2.43 -2.16
N SER A 173 -6.06 1.15 -2.07
CA SER A 173 -5.62 0.39 -3.23
C SER A 173 -6.81 -0.06 -4.10
N LEU A 174 -7.93 -0.34 -3.46
CA LEU A 174 -9.13 -0.73 -4.18
C LEU A 174 -10.21 0.34 -4.02
N PRO A 175 -10.67 0.94 -5.13
CA PRO A 175 -11.74 1.96 -5.10
C PRO A 175 -13.12 1.47 -4.64
N VAL A 176 -13.84 2.34 -3.93
CA VAL A 176 -15.22 2.10 -3.48
C VAL A 176 -16.12 1.67 -4.63
N GLU A 177 -15.90 2.27 -5.80
CA GLU A 177 -16.63 1.99 -7.03
C GLU A 177 -16.57 0.54 -7.46
N ARG A 178 -15.47 -0.12 -7.11
CA ARG A 178 -15.21 -1.51 -7.49
C ARG A 178 -15.87 -2.51 -6.54
N ILE A 179 -16.41 -2.00 -5.43
CA ILE A 179 -17.00 -2.87 -4.39
C ILE A 179 -18.49 -3.10 -4.65
N GLU A 180 -18.86 -4.36 -4.75
CA GLU A 180 -20.22 -4.72 -5.15
C GLU A 180 -21.01 -5.37 -4.00
N ASP A 181 -20.33 -5.74 -2.93
CA ASP A 181 -20.97 -6.38 -1.77
C ASP A 181 -20.81 -5.45 -0.56
N GLN A 182 -21.93 -5.09 0.07
CA GLN A 182 -21.94 -4.16 1.21
C GLN A 182 -21.20 -4.74 2.42
N ARG A 183 -21.10 -6.06 2.46
CA ARG A 183 -20.37 -6.79 3.51
C ARG A 183 -18.87 -6.48 3.50
N ILE A 184 -18.35 -6.08 2.35
CA ILE A 184 -16.97 -5.62 2.28
C ILE A 184 -16.79 -4.26 2.96
N PHE A 185 -17.74 -3.34 2.78
CA PHE A 185 -17.73 -2.09 3.56
C PHE A 185 -17.85 -2.33 5.03
N GLU A 186 -18.77 -3.21 5.43
CA GLU A 186 -18.93 -3.59 6.83
C GLU A 186 -17.66 -4.21 7.44
N ARG A 187 -17.02 -5.13 6.72
CA ARG A 187 -15.75 -5.74 7.13
C ARG A 187 -14.67 -4.69 7.34
N ALA A 188 -14.51 -3.81 6.37
CA ALA A 188 -13.53 -2.72 6.46
C ALA A 188 -13.81 -1.84 7.67
N PHE A 189 -15.06 -1.48 7.89
CA PHE A 189 -15.41 -0.69 9.08
C PHE A 189 -15.08 -1.47 10.37
N GLU A 190 -15.42 -2.75 10.41
CA GLU A 190 -15.10 -3.61 11.56
C GLU A 190 -13.60 -3.60 11.88
N ILE A 191 -12.78 -3.76 10.85
CA ILE A 191 -11.32 -3.72 11.00
C ILE A 191 -10.88 -2.38 11.52
N PHE A 192 -11.41 -1.31 10.92
CA PHE A 192 -11.13 0.04 11.39
C PHE A 192 -11.53 0.20 12.87
N ALA A 193 -12.79 -0.12 13.15
CA ALA A 193 -13.37 0.09 14.46
C ALA A 193 -12.57 -0.62 15.52
N ARG A 194 -12.23 -1.89 15.26
CA ARG A 194 -11.36 -2.63 16.17
C ARG A 194 -9.98 -1.99 16.35
N SER A 195 -9.35 -1.54 15.26
CA SER A 195 -7.97 -1.05 15.27
C SER A 195 -7.85 0.29 15.98
N ILE A 196 -8.98 0.97 16.16
CA ILE A 196 -8.99 2.30 16.76
C ILE A 196 -9.78 2.33 18.09
N GLY A 197 -10.57 1.28 18.37
CA GLY A 197 -11.30 1.19 19.63
C GLY A 197 -12.81 1.42 19.54
N ILE A 198 -13.25 2.01 18.44
CA ILE A 198 -14.68 2.23 18.21
C ILE A 198 -15.44 0.96 18.45
N GLU A 199 -16.58 1.13 19.11
CA GLU A 199 -17.69 0.22 19.03
C GLU A 199 -18.79 1.20 18.67
N SER A 200 -19.46 0.93 17.55
CA SER A 200 -20.67 1.63 17.11
C SER A 200 -21.19 0.79 15.94
N SER A 201 -22.48 0.84 15.61
CA SER A 201 -22.94 0.11 14.44
C SER A 201 -22.47 0.80 13.15
N PHE A 202 -22.26 0.02 12.11
CA PHE A 202 -21.91 0.49 10.78
C PHE A 202 -22.91 1.56 10.29
N SER A 203 -24.18 1.22 10.34
CA SER A 203 -25.25 2.12 9.90
C SER A 203 -25.27 3.44 10.64
N GLU A 204 -25.12 3.42 11.96
CA GLU A 204 -25.10 4.64 12.76
C GLU A 204 -23.86 5.48 12.48
N PHE A 205 -22.71 4.83 12.36
CA PHE A 205 -21.46 5.55 12.12
C PHE A 205 -21.52 6.36 10.83
N PHE A 206 -21.99 5.74 9.75
CA PHE A 206 -22.02 6.39 8.44
C PHE A 206 -23.15 7.37 8.19
N GLU A 207 -24.25 7.22 8.92
CA GLU A 207 -25.28 8.26 8.91
C GLU A 207 -24.71 9.50 9.62
N ASP A 208 -24.09 9.30 10.77
CA ASP A 208 -23.46 10.40 11.49
C ASP A 208 -22.32 11.10 10.71
N PHE A 209 -21.46 10.32 10.06
CA PHE A 209 -20.37 10.86 9.24
C PHE A 209 -20.89 11.72 8.12
N ALA A 210 -21.96 11.23 7.48
CA ALA A 210 -22.58 11.86 6.32
C ALA A 210 -23.22 13.20 6.69
N ARG A 211 -23.72 13.28 7.92
CA ARG A 211 -24.23 14.51 8.48
C ARG A 211 -23.10 15.45 8.89
N LYS A 212 -22.13 14.97 9.68
CA LYS A 212 -21.03 15.82 10.16
C LYS A 212 -20.22 16.46 9.02
N ARG A 213 -20.39 15.91 7.80
CA ARG A 213 -19.65 16.31 6.60
C ARG A 213 -20.51 16.94 5.50
N GLY A 214 -21.79 17.13 5.79
CA GLY A 214 -22.73 17.78 4.87
C GLY A 214 -23.06 17.01 3.61
N LEU A 215 -23.06 15.68 3.72
CA LEU A 215 -23.32 14.84 2.56
C LEU A 215 -24.79 14.42 2.62
N LEU A 216 -25.59 15.11 1.81
CA LEU A 216 -27.03 14.91 1.78
C LEU A 216 -27.45 14.73 0.36
N LYS A 217 -28.38 13.80 0.14
CA LYS A 217 -28.98 13.57 -1.16
C LYS A 217 -30.24 14.39 -1.27
N LYS A 218 -31.00 14.12 -2.31
CA LYS A 218 -32.35 14.68 -2.50
C LYS A 218 -33.21 14.24 -1.34
N GLY A 219 -34.09 15.14 -0.90
CA GLY A 219 -34.97 14.87 0.22
C GLY A 219 -34.27 15.21 1.52
N GLY A 220 -33.02 15.65 1.38
CA GLY A 220 -32.15 15.87 2.53
C GLY A 220 -31.79 14.60 3.28
N VAL A 221 -31.64 13.50 2.56
CA VAL A 221 -31.27 12.22 3.18
C VAL A 221 -29.73 12.09 3.18
N PRO A 222 -29.12 11.74 4.33
CA PRO A 222 -27.67 11.48 4.38
C PRO A 222 -27.22 10.54 3.25
N ASP A 223 -26.20 10.95 2.51
CA ASP A 223 -25.68 10.13 1.40
C ASP A 223 -24.61 9.17 1.92
N ILE A 224 -25.01 7.92 2.19
CA ILE A 224 -24.09 6.90 2.73
C ILE A 224 -23.04 6.49 1.71
N GLU A 225 -23.42 6.37 0.44
CA GLU A 225 -22.43 6.05 -0.60
C GLU A 225 -21.24 7.03 -0.61
N ARG A 226 -21.53 8.33 -0.49
CA ARG A 226 -20.52 9.37 -0.49
C ARG A 226 -19.76 9.45 0.83
N ALA A 227 -20.44 9.17 1.94
CA ALA A 227 -19.78 9.08 3.24
C ALA A 227 -18.73 7.95 3.22
N LEU A 228 -19.12 6.81 2.67
CA LEU A 228 -18.20 5.67 2.54
C LEU A 228 -16.97 6.02 1.70
N MET A 229 -17.19 6.55 0.50
CA MET A 229 -16.08 6.98 -0.36
C MET A 229 -15.13 7.93 0.37
N LEU A 230 -15.68 8.98 0.97
CA LEU A 230 -14.88 9.98 1.67
C LEU A 230 -14.23 9.42 2.92
N PHE A 231 -14.97 8.61 3.69
CA PHE A 231 -14.40 8.04 4.92
C PHE A 231 -13.16 7.21 4.60
N PHE A 232 -13.30 6.29 3.65
CA PHE A 232 -12.21 5.37 3.34
C PHE A 232 -11.06 6.04 2.62
N THR A 233 -11.34 7.12 1.92
CA THR A 233 -10.31 7.96 1.32
C THR A 233 -9.52 8.61 2.45
N GLU A 234 -10.24 9.16 3.43
CA GLU A 234 -9.59 9.68 4.61
C GLU A 234 -8.78 8.65 5.43
N VAL A 235 -9.34 7.46 5.63
CA VAL A 235 -8.59 6.38 6.32
C VAL A 235 -7.27 6.05 5.59
N ALA A 236 -7.37 5.91 4.28
CA ALA A 236 -6.25 5.53 3.41
C ALA A 236 -5.10 6.56 3.49
N GLN A 237 -5.49 7.82 3.68
CA GLN A 237 -4.59 8.96 3.82
C GLN A 237 -4.03 9.14 5.23
N GLY A 238 -4.48 8.33 6.18
CA GLY A 238 -4.01 8.46 7.55
C GLY A 238 -4.69 9.60 8.31
N LYS A 239 -5.80 10.11 7.78
CA LYS A 239 -6.52 11.25 8.38
C LYS A 239 -7.49 10.84 9.46
N ALA A 240 -7.57 9.53 9.71
CA ALA A 240 -8.55 8.97 10.64
C ALA A 240 -7.87 8.26 11.81
N GLY A 241 -6.61 8.62 12.07
CA GLY A 241 -5.77 8.00 13.09
C GLY A 241 -4.57 7.20 12.57
N ARG A 242 -3.47 7.21 13.35
CA ARG A 242 -2.31 6.30 13.18
C ARG A 242 -2.76 4.90 13.55
N VAL A 243 -3.10 4.11 12.54
CA VAL A 243 -3.85 2.90 12.73
C VAL A 243 -3.34 1.87 11.71
N SER A 244 -3.10 0.62 12.15
CA SER A 244 -2.78 -0.50 11.24
C SER A 244 -3.97 -1.45 11.11
N PHE A 245 -3.95 -2.31 10.10
CA PHE A 245 -5.15 -3.11 9.77
C PHE A 245 -4.92 -4.60 9.82
N GLU A 246 -3.65 -5.00 10.01
CA GLU A 246 -3.23 -6.41 10.08
C GLU A 246 -2.06 -6.50 11.05
N ARG A 247 -1.99 -7.65 11.75
CA ARG A 247 -0.92 -8.04 12.67
C ARG A 247 -0.39 -9.42 12.26
N PRO A 248 0.94 -9.67 12.43
CA PRO A 248 1.55 -10.92 11.94
C PRO A 248 0.78 -12.28 12.08
N GLU A 249 -0.03 -12.60 13.09
CA GLU A 249 -0.02 -12.24 14.53
C GLU A 249 -1.29 -12.66 15.32
N ASP A 250 -2.47 -12.87 14.72
CA ASP A 250 -2.83 -12.64 13.30
C ASP A 250 -3.98 -11.64 13.11
N ILE A 251 -4.34 -10.91 14.17
CA ILE A 251 -5.45 -9.93 14.12
C ILE A 251 -5.02 -8.63 13.43
#